data_8A8H
#
_entry.id   8A8H
#
_cell.length_a   51.539
_cell.length_b   176.176
_cell.length_c   51.610
_cell.angle_alpha   90.000
_cell.angle_beta   105.780
_cell.angle_gamma   90.000
#
_symmetry.space_group_name_H-M   'P 1 21 1'
#
loop_
_entity.id
_entity.type
_entity.pdbx_description
1 polymer 'APS kinase from Methanothermococcus thermolithotrophicus'
2 non-polymer 1,2-ETHANEDIOL
3 non-polymer 'PHOSPHATE ION'
4 non-polymer 'CHLORIDE ION'
5 water water
#
_entity_poly.entity_id   1
_entity_poly.type   'polypeptide(L)'
_entity_poly.pdbx_seq_one_letter_code
;GSHMSEELNNGENSLLKNLEDGFTIWLTGPSGAGKSTLAYALEKKLLEKGFRVEILDGDVIRNTLYPNIGFSKEAREMHN
RVVIHLAKLLSKNGVITIVSLISPYRAVREYARKEIQNFMEVYIHSPLEVRIQRDPKGLYAKALKGEIKGLTGYDGVYEE
PENPELKIESHKMSIEEEVDTVIRTAQKLGYL
;
_entity_poly.pdbx_strand_id   A,B,C,D
#
loop_
_chem_comp.id
_chem_comp.type
_chem_comp.name
_chem_comp.formula
CL non-polymer 'CHLORIDE ION' 'Cl -1'
EDO non-polymer 1,2-ETHANEDIOL 'C2 H6 O2'
PO4 non-polymer 'PHOSPHATE ION' 'O4 P -3'
#
# COMPACT_ATOMS: atom_id res chain seq x y z
N LEU A 19 -5.93 29.45 -7.25
CA LEU A 19 -6.82 28.86 -8.24
C LEU A 19 -6.90 27.35 -8.04
N GLU A 20 -8.09 26.84 -7.70
CA GLU A 20 -8.23 25.40 -7.55
C GLU A 20 -7.72 24.68 -8.79
N ASP A 21 -8.15 25.14 -9.97
CA ASP A 21 -7.64 24.59 -11.22
C ASP A 21 -6.96 25.67 -12.03
N GLY A 22 -5.73 25.41 -12.44
CA GLY A 22 -5.08 26.23 -13.43
C GLY A 22 -5.61 25.98 -14.82
N PHE A 23 -5.12 26.78 -15.76
CA PHE A 23 -5.49 26.61 -17.16
C PHE A 23 -4.43 27.24 -18.07
N THR A 24 -4.46 26.83 -19.33
CA THR A 24 -3.57 27.36 -20.35
C THR A 24 -4.33 28.31 -21.28
N ILE A 25 -3.73 29.48 -21.51
CA ILE A 25 -4.15 30.41 -22.55
C ILE A 25 -3.15 30.24 -23.69
N TRP A 26 -3.61 29.68 -24.81
CA TRP A 26 -2.72 29.33 -25.92
C TRP A 26 -2.94 30.32 -27.07
N LEU A 27 -1.96 31.17 -27.31
CA LEU A 27 -2.07 32.20 -28.32
C LEU A 27 -1.69 31.65 -29.68
N THR A 28 -2.49 32.00 -30.70
CA THR A 28 -2.19 31.57 -32.05
C THR A 28 -2.68 32.63 -33.03
N GLY A 29 -2.06 32.64 -34.20
CA GLY A 29 -2.31 33.63 -35.20
C GLY A 29 -1.10 33.80 -36.10
N PRO A 30 -1.30 34.39 -37.27
CA PRO A 30 -0.16 34.60 -38.17
C PRO A 30 0.86 35.54 -37.54
N SER A 31 2.06 35.51 -38.10
CA SER A 31 3.12 36.43 -37.70
C SER A 31 2.66 37.88 -37.81
N GLY A 32 3.00 38.68 -36.80
CA GLY A 32 2.66 40.08 -36.80
C GLY A 32 1.30 40.40 -36.25
N ALA A 33 0.56 39.40 -35.80
CA ALA A 33 -0.82 39.60 -35.35
C ALA A 33 -0.89 40.23 -33.97
N GLY A 34 0.21 40.22 -33.22
CA GLY A 34 0.25 40.76 -31.90
C GLY A 34 0.27 39.73 -30.77
N LYS A 35 0.67 38.48 -31.06
CA LYS A 35 0.60 37.43 -30.05
C LYS A 35 1.53 37.73 -28.87
N SER A 36 2.79 38.03 -29.18
CA SER A 36 3.77 38.25 -28.12
C SER A 36 3.34 39.39 -27.22
N THR A 37 2.97 40.53 -27.81
CA THR A 37 2.54 41.69 -27.03
C THR A 37 1.41 41.31 -26.09
N LEU A 38 0.39 40.60 -26.61
CA LEU A 38 -0.74 40.22 -25.79
C LEU A 38 -0.32 39.25 -24.69
N ALA A 39 0.57 38.31 -25.00
CA ALA A 39 0.99 37.34 -23.99
C ALA A 39 1.56 38.04 -22.77
N TYR A 40 2.49 38.96 -23.00
CA TYR A 40 3.13 39.65 -21.88
C TYR A 40 2.16 40.60 -21.18
N ALA A 41 1.22 41.20 -21.91
CA ALA A 41 0.26 42.08 -21.26
C ALA A 41 -0.69 41.27 -20.38
N LEU A 42 -1.03 40.06 -20.82
CA LEU A 42 -1.87 39.18 -20.01
C LEU A 42 -1.16 38.79 -18.72
N GLU A 43 0.12 38.45 -18.82
CA GLU A 43 0.90 38.12 -17.63
C GLU A 43 0.92 39.28 -16.66
N LYS A 44 1.22 40.48 -17.15
CA LYS A 44 1.30 41.63 -16.27
C LYS A 44 -0.03 41.84 -15.54
N LYS A 45 -1.15 41.78 -16.27
CA LYS A 45 -2.45 42.02 -15.66
C LYS A 45 -2.82 40.95 -14.66
N LEU A 46 -2.62 39.69 -15.03
CA LEU A 46 -3.02 38.60 -14.14
C LEU A 46 -2.15 38.55 -12.90
N LEU A 47 -0.85 38.86 -13.03
CA LEU A 47 -0.02 39.01 -11.84
C LEU A 47 -0.56 40.10 -10.94
N GLU A 48 -0.80 41.30 -11.50
CA GLU A 48 -1.34 42.42 -10.75
C GLU A 48 -2.59 42.02 -9.97
N LYS A 49 -3.33 41.04 -10.50
CA LYS A 49 -4.60 40.56 -9.89
C LYS A 49 -4.34 39.54 -8.78
N GLY A 50 -3.09 39.06 -8.64
CA GLY A 50 -2.78 38.13 -7.58
C GLY A 50 -2.74 36.68 -7.98
N PHE A 51 -2.85 36.38 -9.26
CA PHE A 51 -2.80 35.00 -9.70
C PHE A 51 -1.37 34.53 -9.89
N ARG A 52 -1.19 33.22 -9.72
CA ARG A 52 0.02 32.54 -10.16
C ARG A 52 -0.02 32.43 -11.68
N VAL A 53 1.00 32.98 -12.35
CA VAL A 53 1.00 33.05 -13.80
C VAL A 53 2.41 32.77 -14.30
N GLU A 54 2.49 32.05 -15.42
CA GLU A 54 3.76 31.87 -16.10
C GLU A 54 3.56 32.05 -17.59
N ILE A 55 4.52 32.70 -18.24
CA ILE A 55 4.49 32.82 -19.68
C ILE A 55 5.55 31.87 -20.23
N LEU A 56 5.15 31.07 -21.20
CA LEU A 56 5.99 30.13 -21.92
C LEU A 56 6.13 30.71 -23.33
N ASP A 57 7.18 31.50 -23.52
CA ASP A 57 7.53 32.11 -24.81
C ASP A 57 8.46 31.14 -25.52
N GLY A 58 8.02 30.60 -26.66
CA GLY A 58 8.76 29.52 -27.30
C GLY A 58 10.21 29.86 -27.56
N ASP A 59 10.48 31.05 -28.09
CA ASP A 59 11.86 31.38 -28.42
C ASP A 59 12.72 31.57 -27.18
N VAL A 60 12.15 32.11 -26.09
CA VAL A 60 12.90 32.26 -24.85
C VAL A 60 13.25 30.89 -24.28
N ILE A 61 12.27 29.98 -24.25
CA ILE A 61 12.47 28.65 -23.70
C ILE A 61 13.56 27.92 -24.48
N ARG A 62 13.48 27.99 -25.82
CA ARG A 62 14.50 27.39 -26.67
C ARG A 62 15.88 27.97 -26.40
N ASN A 63 15.99 29.29 -26.34
N ASN A 63 15.99 29.30 -26.36
CA ASN A 63 17.29 29.92 -26.15
CA ASN A 63 17.30 29.92 -26.14
C ASN A 63 17.84 29.68 -24.75
C ASN A 63 17.85 29.55 -24.77
N THR A 64 16.98 29.35 -23.79
CA THR A 64 17.42 29.04 -22.44
C THR A 64 17.77 27.57 -22.25
N LEU A 65 17.07 26.65 -22.91
CA LEU A 65 17.21 25.24 -22.62
C LEU A 65 17.97 24.44 -23.66
N TYR A 66 17.94 24.83 -24.93
CA TYR A 66 18.64 24.09 -25.97
C TYR A 66 18.87 25.03 -27.16
N PRO A 67 19.66 26.09 -27.00
CA PRO A 67 19.80 27.07 -28.09
C PRO A 67 20.44 26.52 -29.36
N ASN A 68 21.14 25.40 -29.27
CA ASN A 68 21.87 24.87 -30.41
C ASN A 68 21.23 23.59 -30.95
N ILE A 69 19.94 23.40 -30.69
CA ILE A 69 19.26 22.19 -31.13
C ILE A 69 18.95 22.18 -32.62
N GLY A 70 18.88 23.33 -33.27
CA GLY A 70 18.59 23.38 -34.69
C GLY A 70 17.11 23.46 -34.98
N PHE A 71 16.79 23.36 -36.27
CA PHE A 71 15.41 23.53 -36.71
C PHE A 71 14.92 22.35 -37.56
N SER A 72 15.56 21.19 -37.40
CA SER A 72 15.04 19.96 -37.97
C SER A 72 13.66 19.63 -37.40
N LYS A 73 12.96 18.75 -38.12
CA LYS A 73 11.63 18.32 -37.67
C LYS A 73 11.69 17.73 -36.27
N GLU A 74 12.61 16.80 -36.04
CA GLU A 74 12.70 16.17 -34.72
C GLU A 74 12.93 17.20 -33.63
N ALA A 75 13.74 18.23 -33.93
CA ALA A 75 14.04 19.26 -32.96
C ALA A 75 12.81 20.12 -32.68
N ARG A 76 12.05 20.39 -33.75
CA ARG A 76 10.81 21.21 -33.65
C ARG A 76 9.78 20.47 -32.78
N GLU A 77 9.62 19.16 -32.98
CA GLU A 77 8.61 18.45 -32.19
C GLU A 77 9.06 18.22 -30.75
N MET A 78 10.37 18.07 -30.53
CA MET A 78 10.87 17.92 -29.14
C MET A 78 10.56 19.22 -28.40
N HIS A 79 10.94 20.36 -28.98
CA HIS A 79 10.64 21.66 -28.41
C HIS A 79 9.15 21.81 -28.11
N ASN A 80 8.31 21.43 -29.07
CA ASN A 80 6.87 21.48 -28.85
C ASN A 80 6.46 20.62 -27.66
N ARG A 81 6.96 19.39 -27.60
CA ARG A 81 6.60 18.53 -26.49
C ARG A 81 7.05 19.12 -25.15
N VAL A 82 8.22 19.76 -25.12
CA VAL A 82 8.71 20.34 -23.87
C VAL A 82 7.81 21.48 -23.41
N VAL A 83 7.49 22.39 -24.32
CA VAL A 83 6.63 23.52 -23.97
C VAL A 83 5.28 23.01 -23.47
N ILE A 84 4.70 22.05 -24.20
CA ILE A 84 3.39 21.53 -23.85
C ILE A 84 3.42 20.84 -22.50
N HIS A 85 4.48 20.06 -22.23
CA HIS A 85 4.54 19.39 -20.96
C HIS A 85 4.66 20.38 -19.81
N LEU A 86 5.41 21.45 -20.06
CA LEU A 86 5.60 22.55 -19.08
C LEU A 86 4.23 23.17 -18.78
N ALA A 87 3.43 23.42 -19.82
CA ALA A 87 2.10 23.99 -19.62
C ALA A 87 1.17 23.00 -18.92
N LYS A 88 1.27 21.71 -19.28
CA LYS A 88 0.39 20.71 -18.67
C LYS A 88 0.59 20.66 -17.15
N LEU A 89 1.85 20.60 -16.72
CA LEU A 89 2.16 20.45 -15.30
C LEU A 89 1.81 21.72 -14.54
N LEU A 90 2.06 22.89 -15.16
CA LEU A 90 1.78 24.20 -14.51
C LEU A 90 0.27 24.45 -14.39
N SER A 91 -0.51 24.01 -15.39
CA SER A 91 -1.96 24.22 -15.41
C SER A 91 -2.68 23.27 -14.44
N LYS A 92 -2.22 22.02 -14.36
CA LYS A 92 -2.82 21.07 -13.43
C LYS A 92 -2.52 21.42 -11.97
N ASN A 93 -1.55 22.30 -11.72
CA ASN A 93 -1.22 22.69 -10.36
C ASN A 93 -1.56 24.14 -10.04
N GLY A 94 -2.59 24.68 -10.67
CA GLY A 94 -3.18 25.94 -10.25
C GLY A 94 -2.57 27.19 -10.83
N VAL A 95 -1.74 27.05 -11.86
CA VAL A 95 -1.07 28.18 -12.49
C VAL A 95 -1.82 28.53 -13.77
N ILE A 96 -1.94 29.83 -14.04
CA ILE A 96 -2.38 30.28 -15.35
C ILE A 96 -1.16 30.31 -16.27
N THR A 97 -1.17 29.48 -17.31
CA THR A 97 -0.04 29.32 -18.20
C THR A 97 -0.36 29.96 -19.54
N ILE A 98 0.39 30.99 -19.90
CA ILE A 98 0.21 31.72 -21.15
C ILE A 98 1.28 31.20 -22.11
N VAL A 99 0.88 30.61 -23.22
CA VAL A 99 1.82 30.05 -24.18
C VAL A 99 1.80 30.92 -25.44
N SER A 100 2.98 31.32 -25.89
CA SER A 100 3.16 32.02 -27.17
C SER A 100 4.25 31.23 -27.87
N LEU A 101 3.85 30.22 -28.63
CA LEU A 101 4.74 29.27 -29.29
C LEU A 101 4.60 29.49 -30.79
N ILE A 102 5.65 30.00 -31.42
CA ILE A 102 5.58 30.35 -32.84
C ILE A 102 5.46 29.09 -33.67
N SER A 103 4.39 28.99 -34.42
CA SER A 103 4.16 27.87 -35.32
C SER A 103 2.92 28.20 -36.13
N PRO A 104 2.95 27.99 -37.44
CA PRO A 104 1.72 28.16 -38.24
C PRO A 104 0.78 26.96 -38.19
N TYR A 105 1.16 25.85 -37.58
CA TYR A 105 0.47 24.59 -37.82
C TYR A 105 -0.55 24.26 -36.75
N ARG A 106 -1.64 23.64 -37.18
CA ARG A 106 -2.67 23.23 -36.25
C ARG A 106 -2.23 22.02 -35.43
N ALA A 107 -1.33 21.19 -35.97
CA ALA A 107 -1.03 19.91 -35.33
C ALA A 107 -0.55 20.13 -33.89
N VAL A 108 0.38 21.07 -33.68
CA VAL A 108 0.90 21.28 -32.32
C VAL A 108 -0.23 21.74 -31.40
N ARG A 109 -1.15 22.55 -31.91
CA ARG A 109 -2.22 23.08 -31.08
C ARG A 109 -3.25 22.00 -30.73
N GLU A 110 -3.50 21.06 -31.65
CA GLU A 110 -4.41 19.95 -31.33
C GLU A 110 -3.77 19.00 -30.32
N TYR A 111 -2.47 18.74 -30.47
CA TYR A 111 -1.73 17.96 -29.48
C TYR A 111 -1.78 18.63 -28.12
N ALA A 112 -1.58 19.94 -28.08
CA ALA A 112 -1.61 20.66 -26.80
C ALA A 112 -2.98 20.57 -26.13
N ARG A 113 -4.06 20.69 -26.92
CA ARG A 113 -5.39 20.58 -26.35
C ARG A 113 -5.67 19.17 -25.82
N LYS A 114 -5.11 18.14 -26.47
CA LYS A 114 -5.27 16.79 -25.95
C LYS A 114 -4.53 16.60 -24.63
N GLU A 115 -3.40 17.28 -24.44
CA GLU A 115 -2.57 17.06 -23.26
C GLU A 115 -3.03 17.85 -22.04
N ILE A 116 -3.61 19.03 -22.27
CA ILE A 116 -3.87 20.02 -21.24
C ILE A 116 -5.38 20.09 -21.05
N GLN A 117 -5.87 19.65 -19.90
CA GLN A 117 -7.32 19.52 -19.73
C GLN A 117 -8.02 20.86 -19.87
N ASN A 118 -7.53 21.88 -19.17
CA ASN A 118 -8.16 23.20 -19.16
C ASN A 118 -7.39 24.10 -20.13
N PHE A 119 -7.95 24.27 -21.33
CA PHE A 119 -7.23 24.81 -22.47
C PHE A 119 -8.11 25.84 -23.15
N MET A 120 -7.57 27.05 -23.27
CA MET A 120 -8.29 28.20 -23.87
C MET A 120 -7.44 28.74 -25.02
N GLU A 121 -7.88 28.51 -26.25
CA GLU A 121 -7.14 28.95 -27.43
C GLU A 121 -7.63 30.35 -27.81
N VAL A 122 -6.68 31.27 -27.96
CA VAL A 122 -6.96 32.65 -28.34
C VAL A 122 -6.34 32.86 -29.72
N TYR A 123 -7.22 33.01 -30.72
CA TYR A 123 -6.83 33.17 -32.11
C TYR A 123 -6.92 34.65 -32.45
N ILE A 124 -5.76 35.26 -32.71
CA ILE A 124 -5.72 36.63 -33.24
C ILE A 124 -5.71 36.51 -34.77
N HIS A 125 -6.81 36.94 -35.39
CA HIS A 125 -7.03 36.75 -36.82
C HIS A 125 -6.59 38.00 -37.57
N SER A 126 -5.80 37.81 -38.62
CA SER A 126 -5.41 38.85 -39.54
C SER A 126 -5.99 38.53 -40.91
N PRO A 127 -6.62 39.50 -41.59
CA PRO A 127 -7.13 39.23 -42.95
C PRO A 127 -6.02 39.07 -43.98
N GLY A 156 5.40 27.70 -43.28
CA GLY A 156 4.19 27.28 -43.95
C GLY A 156 3.05 28.28 -43.83
N VAL A 157 2.02 28.12 -44.67
CA VAL A 157 0.86 29.00 -44.60
C VAL A 157 0.19 28.81 -43.24
N TYR A 158 -0.34 29.88 -42.68
CA TYR A 158 -0.97 29.77 -41.37
C TYR A 158 -2.21 28.88 -41.47
N GLU A 159 -2.31 27.91 -40.56
CA GLU A 159 -3.46 27.00 -40.52
C GLU A 159 -4.42 27.50 -39.43
N GLU A 160 -5.61 27.95 -39.85
CA GLU A 160 -6.57 28.50 -38.91
C GLU A 160 -7.12 27.41 -37.99
N PRO A 161 -7.39 27.73 -36.72
CA PRO A 161 -8.07 26.76 -35.85
C PRO A 161 -9.51 26.53 -36.32
N GLU A 162 -10.09 25.43 -35.84
CA GLU A 162 -11.47 25.11 -36.18
C GLU A 162 -12.44 25.97 -35.37
N ASN A 163 -12.26 25.98 -34.08
CA ASN A 163 -13.26 26.47 -33.13
C ASN A 163 -12.52 26.92 -31.87
N PRO A 164 -11.75 28.01 -31.96
CA PRO A 164 -11.05 28.50 -30.78
C PRO A 164 -12.02 29.10 -29.77
N GLU A 165 -11.62 29.06 -28.51
CA GLU A 165 -12.42 29.62 -27.43
C GLU A 165 -12.65 31.11 -27.61
N LEU A 166 -11.70 31.80 -28.24
CA LEU A 166 -11.80 33.25 -28.48
C LEU A 166 -11.08 33.58 -29.77
N LYS A 167 -11.73 34.40 -30.59
CA LYS A 167 -11.15 34.96 -31.80
C LYS A 167 -11.20 36.48 -31.67
N ILE A 168 -10.07 37.12 -31.94
CA ILE A 168 -9.87 38.56 -31.84
C ILE A 168 -9.31 39.01 -33.18
N GLU A 169 -9.83 40.11 -33.71
N GLU A 169 -9.81 40.14 -33.69
CA GLU A 169 -9.25 40.72 -34.91
CA GLU A 169 -9.27 40.71 -34.92
C GLU A 169 -7.97 41.46 -34.55
C GLU A 169 -8.00 41.49 -34.59
N SER A 170 -6.95 41.28 -35.38
CA SER A 170 -5.64 41.86 -35.07
C SER A 170 -5.64 43.38 -35.20
N HIS A 171 -4.95 44.05 -34.27
CA HIS A 171 -4.66 45.48 -34.35
C HIS A 171 -5.91 46.30 -34.58
N LYS A 172 -6.93 46.00 -33.80
CA LYS A 172 -8.18 46.76 -33.80
C LYS A 172 -8.44 47.39 -32.44
N MET A 173 -8.37 46.60 -31.37
CA MET A 173 -8.63 47.13 -30.04
C MET A 173 -7.30 47.40 -29.35
N SER A 174 -7.37 48.24 -28.32
CA SER A 174 -6.20 48.48 -27.47
C SER A 174 -5.76 47.18 -26.81
N ILE A 175 -4.50 47.15 -26.38
CA ILE A 175 -4.02 45.97 -25.67
C ILE A 175 -4.88 45.74 -24.42
N GLU A 176 -5.21 46.81 -23.68
CA GLU A 176 -6.03 46.64 -22.49
CA GLU A 176 -6.05 46.65 -22.49
C GLU A 176 -7.36 45.97 -22.83
N GLU A 177 -7.98 46.36 -23.95
CA GLU A 177 -9.24 45.74 -24.33
C GLU A 177 -9.03 44.28 -24.76
N GLU A 178 -7.93 43.99 -25.45
CA GLU A 178 -7.64 42.60 -25.78
C GLU A 178 -7.51 41.77 -24.51
N VAL A 179 -6.77 42.29 -23.52
CA VAL A 179 -6.59 41.59 -22.26
C VAL A 179 -7.94 41.40 -21.56
N ASP A 180 -8.76 42.44 -21.54
CA ASP A 180 -10.04 42.33 -20.86
C ASP A 180 -10.93 41.32 -21.58
N THR A 181 -10.80 41.22 -22.92
CA THR A 181 -11.61 40.28 -23.68
C THR A 181 -11.20 38.84 -23.36
N VAL A 182 -9.89 38.57 -23.31
CA VAL A 182 -9.42 37.25 -22.90
C VAL A 182 -9.92 36.91 -21.49
N ILE A 183 -9.83 37.85 -20.55
CA ILE A 183 -10.21 37.55 -19.17
C ILE A 183 -11.71 37.27 -19.09
N ARG A 184 -12.52 38.04 -19.80
CA ARG A 184 -13.97 37.80 -19.80
C ARG A 184 -14.30 36.42 -20.38
N THR A 185 -13.60 36.00 -21.43
CA THR A 185 -13.82 34.67 -21.98
C THR A 185 -13.47 33.59 -20.96
N ALA A 186 -12.32 33.76 -20.27
CA ALA A 186 -11.94 32.80 -19.24
C ALA A 186 -13.00 32.72 -18.15
N GLN A 187 -13.59 33.86 -17.78
CA GLN A 187 -14.67 33.83 -16.80
C GLN A 187 -15.88 33.07 -17.32
N LYS A 188 -16.27 33.36 -18.58
CA LYS A 188 -17.40 32.65 -19.17
C LYS A 188 -17.15 31.14 -19.18
N LEU A 189 -15.90 30.73 -19.45
CA LEU A 189 -15.57 29.30 -19.45
C LEU A 189 -15.44 28.73 -18.04
N GLY A 190 -15.55 29.55 -17.00
CA GLY A 190 -15.39 29.06 -15.66
C GLY A 190 -13.96 28.89 -15.20
N TYR A 191 -13.00 29.39 -15.97
CA TYR A 191 -11.60 29.29 -15.59
C TYR A 191 -11.19 30.36 -14.58
N LEU A 192 -11.82 31.52 -14.64
CA LEU A 192 -11.59 32.61 -13.69
C LEU A 192 -12.91 33.02 -13.08
N LEU B 19 0.37 26.05 -0.68
CA LEU B 19 1.69 26.43 -0.18
C LEU B 19 2.12 27.76 -0.78
N GLU B 20 2.27 28.78 0.07
CA GLU B 20 2.70 30.09 -0.40
C GLU B 20 3.97 29.96 -1.22
N ASP B 21 4.86 29.05 -0.81
CA ASP B 21 6.10 28.79 -1.52
C ASP B 21 6.27 27.29 -1.68
N GLY B 22 6.44 26.85 -2.91
CA GLY B 22 6.83 25.48 -3.16
C GLY B 22 8.32 25.28 -2.92
N PHE B 23 8.75 24.06 -3.18
CA PHE B 23 10.17 23.73 -3.00
C PHE B 23 10.45 22.41 -3.71
N THR B 24 11.73 22.18 -3.97
CA THR B 24 12.23 20.98 -4.61
C THR B 24 12.91 20.09 -3.59
N ILE B 25 12.55 18.81 -3.60
CA ILE B 25 13.25 17.75 -2.89
C ILE B 25 14.07 17.02 -3.93
N TRP B 26 15.38 17.14 -3.86
CA TRP B 26 16.28 16.60 -4.89
C TRP B 26 16.95 15.36 -4.31
N LEU B 27 16.57 14.19 -4.80
CA LEU B 27 17.16 12.94 -4.33
C LEU B 27 18.48 12.67 -5.05
N THR B 28 19.50 12.29 -4.29
CA THR B 28 20.78 11.91 -4.88
C THR B 28 21.37 10.76 -4.08
N GLY B 29 22.22 9.99 -4.75
CA GLY B 29 22.84 8.85 -4.14
C GLY B 29 23.19 7.83 -5.19
N PRO B 30 24.06 6.88 -4.86
CA PRO B 30 24.49 5.88 -5.84
C PRO B 30 23.34 4.98 -6.26
N SER B 31 23.53 4.31 -7.39
CA SER B 31 22.52 3.36 -7.93
C SER B 31 22.22 2.29 -6.88
N GLY B 32 20.93 2.03 -6.65
CA GLY B 32 20.51 1.02 -5.71
C GLY B 32 20.31 1.53 -4.28
N ALA B 33 20.59 2.81 -4.03
CA ALA B 33 20.49 3.34 -2.69
C ALA B 33 19.05 3.48 -2.21
N GLY B 34 18.08 3.55 -3.11
CA GLY B 34 16.69 3.72 -2.75
C GLY B 34 16.05 5.05 -3.14
N LYS B 35 16.62 5.76 -4.12
CA LYS B 35 16.09 7.07 -4.52
C LYS B 35 14.66 6.95 -5.04
N SER B 36 14.45 6.07 -6.02
CA SER B 36 13.16 5.96 -6.67
C SER B 36 12.06 5.59 -5.67
N THR B 37 12.33 4.59 -4.84
CA THR B 37 11.34 4.14 -3.86
C THR B 37 10.96 5.28 -2.93
N LEU B 38 11.95 6.06 -2.48
CA LEU B 38 11.64 7.17 -1.60
C LEU B 38 10.86 8.25 -2.35
N ALA B 39 11.21 8.50 -3.61
CA ALA B 39 10.54 9.54 -4.36
C ALA B 39 9.05 9.24 -4.49
N TYR B 40 8.70 8.01 -4.86
CA TYR B 40 7.30 7.71 -5.05
C TYR B 40 6.55 7.60 -3.73
N ALA B 41 7.23 7.20 -2.65
CA ALA B 41 6.55 7.17 -1.36
C ALA B 41 6.31 8.58 -0.84
N LEU B 42 7.27 9.48 -1.06
CA LEU B 42 7.10 10.88 -0.71
C LEU B 42 5.93 11.49 -1.47
N GLU B 43 5.83 11.21 -2.77
CA GLU B 43 4.70 11.73 -3.53
C GLU B 43 3.39 11.24 -2.94
N LYS B 44 3.29 9.93 -2.68
CA LYS B 44 2.03 9.39 -2.18
C LYS B 44 1.67 10.02 -0.84
N LYS B 45 2.65 10.20 0.04
CA LYS B 45 2.35 10.76 1.36
C LYS B 45 1.92 12.21 1.28
N LEU B 46 2.63 13.01 0.48
CA LEU B 46 2.34 14.44 0.43
C LEU B 46 1.02 14.73 -0.28
N LEU B 47 0.66 13.94 -1.29
CA LEU B 47 -0.67 14.06 -1.89
C LEU B 47 -1.76 13.74 -0.87
N GLU B 48 -1.58 12.68 -0.09
CA GLU B 48 -2.57 12.32 0.92
C GLU B 48 -2.74 13.40 1.98
N LYS B 49 -1.72 14.26 2.12
CA LYS B 49 -1.77 15.38 3.11
C LYS B 49 -2.43 16.61 2.48
N GLY B 50 -2.72 16.57 1.17
CA GLY B 50 -3.41 17.67 0.53
C GLY B 50 -2.54 18.63 -0.23
N PHE B 51 -1.25 18.34 -0.39
CA PHE B 51 -0.36 19.25 -1.08
C PHE B 51 -0.39 19.01 -2.59
N ARG B 52 -0.05 20.07 -3.32
CA ARG B 52 0.31 19.97 -4.72
C ARG B 52 1.71 19.39 -4.80
N VAL B 53 1.86 18.28 -5.52
CA VAL B 53 3.12 17.53 -5.62
C VAL B 53 3.31 17.06 -7.05
N GLU B 54 4.53 17.17 -7.55
CA GLU B 54 4.91 16.52 -8.80
C GLU B 54 6.19 15.74 -8.59
N ILE B 55 6.28 14.57 -9.19
CA ILE B 55 7.55 13.86 -9.22
C ILE B 55 8.11 13.96 -10.63
N LEU B 56 9.37 14.35 -10.71
CA LEU B 56 10.13 14.47 -11.96
C LEU B 56 11.13 13.31 -11.93
N ASP B 57 10.72 12.20 -12.53
CA ASP B 57 11.55 11.00 -12.67
C ASP B 57 12.32 11.14 -13.99
N GLY B 58 13.64 11.24 -13.88
CA GLY B 58 14.46 11.57 -15.04
C GLY B 58 14.21 10.66 -16.22
N ASP B 59 14.14 9.36 -15.99
CA ASP B 59 13.98 8.46 -17.13
C ASP B 59 12.58 8.54 -17.73
N VAL B 60 11.56 8.76 -16.89
CA VAL B 60 10.20 8.91 -17.38
C VAL B 60 10.09 10.16 -18.25
N ILE B 61 10.70 11.26 -17.80
CA ILE B 61 10.64 12.51 -18.57
C ILE B 61 11.38 12.34 -19.90
N ARG B 62 12.54 11.68 -19.88
CA ARG B 62 13.26 11.43 -21.13
C ARG B 62 12.43 10.58 -22.09
N ASN B 63 11.79 9.53 -21.56
CA ASN B 63 11.07 8.59 -22.41
C ASN B 63 9.84 9.24 -23.02
N THR B 64 9.22 10.17 -22.29
CA THR B 64 8.03 10.86 -22.75
C THR B 64 8.37 11.98 -23.73
N LEU B 65 9.37 12.78 -23.41
CA LEU B 65 9.60 14.01 -24.16
C LEU B 65 10.62 13.87 -25.28
N TYR B 66 11.60 13.00 -25.14
CA TYR B 66 12.60 12.89 -26.20
C TYR B 66 13.31 11.55 -26.09
N PRO B 67 12.61 10.44 -26.37
CA PRO B 67 13.22 9.12 -26.14
C PRO B 67 14.37 8.80 -27.07
N ASN B 68 14.51 9.49 -28.19
CA ASN B 68 15.53 9.18 -29.18
C ASN B 68 16.65 10.20 -29.22
N ILE B 69 16.79 11.00 -28.16
CA ILE B 69 17.79 12.05 -28.13
C ILE B 69 19.20 11.52 -28.02
N GLY B 70 19.38 10.31 -27.50
CA GLY B 70 20.71 9.73 -27.39
C GLY B 70 21.32 9.98 -26.03
N PHE B 71 22.59 9.58 -25.90
CA PHE B 71 23.26 9.70 -24.60
C PHE B 71 24.55 10.52 -24.68
N SER B 72 24.68 11.36 -25.71
CA SER B 72 25.82 12.26 -25.81
C SER B 72 25.83 13.28 -24.68
N LYS B 73 26.98 13.92 -24.51
CA LYS B 73 27.15 14.94 -23.44
C LYS B 73 26.15 16.08 -23.64
N GLU B 74 25.96 16.51 -24.89
CA GLU B 74 25.02 17.60 -25.15
C GLU B 74 23.60 17.18 -24.79
N ALA B 75 23.23 15.94 -25.10
CA ALA B 75 21.89 15.45 -24.82
C ALA B 75 21.66 15.29 -23.33
N ARG B 76 22.68 14.80 -22.61
CA ARG B 76 22.56 14.68 -21.17
C ARG B 76 22.36 16.04 -20.52
N GLU B 77 23.12 17.05 -20.95
CA GLU B 77 23.00 18.37 -20.35
C GLU B 77 21.67 19.01 -20.71
N MET B 78 21.17 18.80 -21.93
CA MET B 78 19.86 19.34 -22.28
C MET B 78 18.76 18.76 -21.39
N HIS B 79 18.76 17.44 -21.22
CA HIS B 79 17.80 16.78 -20.33
C HIS B 79 17.89 17.33 -18.92
N ASN B 80 19.11 17.50 -18.41
CA ASN B 80 19.27 18.09 -17.07
C ASN B 80 18.63 19.46 -17.00
N ARG B 81 18.88 20.31 -18.00
CA ARG B 81 18.32 21.66 -17.97
C ARG B 81 16.79 21.61 -18.03
N VAL B 82 16.23 20.69 -18.82
CA VAL B 82 14.77 20.57 -18.92
C VAL B 82 14.19 20.19 -17.56
N VAL B 83 14.73 19.15 -16.93
CA VAL B 83 14.21 18.71 -15.63
C VAL B 83 14.29 19.83 -14.61
N ILE B 84 15.45 20.50 -14.57
CA ILE B 84 15.67 21.56 -13.59
C ILE B 84 14.73 22.74 -13.85
N HIS B 85 14.49 23.07 -15.12
CA HIS B 85 13.59 24.18 -15.41
C HIS B 85 12.15 23.84 -15.03
N LEU B 86 11.78 22.58 -15.21
CA LEU B 86 10.43 22.12 -14.79
C LEU B 86 10.34 22.28 -13.27
N ALA B 87 11.38 21.84 -12.55
CA ALA B 87 11.35 21.93 -11.10
C ALA B 87 11.33 23.38 -10.65
N LYS B 88 12.11 24.24 -11.31
CA LYS B 88 12.15 25.66 -10.97
C LYS B 88 10.78 26.31 -11.08
N LEU B 89 10.08 26.08 -12.20
CA LEU B 89 8.80 26.74 -12.42
C LEU B 89 7.72 26.17 -11.49
N LEU B 90 7.76 24.86 -11.24
CA LEU B 90 6.76 24.28 -10.34
C LEU B 90 6.99 24.76 -8.90
N SER B 91 8.26 24.80 -8.45
CA SER B 91 8.54 25.14 -7.06
C SER B 91 8.22 26.60 -6.74
N LYS B 92 8.42 27.47 -7.72
CA LYS B 92 8.13 28.92 -7.51
C LYS B 92 6.62 29.18 -7.56
N ASN B 93 5.83 28.18 -7.95
CA ASN B 93 4.39 28.34 -8.03
C ASN B 93 3.65 27.44 -7.05
N GLY B 94 4.28 27.14 -5.91
CA GLY B 94 3.62 26.47 -4.83
C GLY B 94 3.58 24.96 -4.89
N VAL B 95 4.36 24.33 -5.75
CA VAL B 95 4.33 22.89 -5.89
C VAL B 95 5.52 22.29 -5.18
N ILE B 96 5.30 21.21 -4.44
CA ILE B 96 6.40 20.38 -3.94
C ILE B 96 6.90 19.51 -5.09
N THR B 97 8.12 19.74 -5.52
CA THR B 97 8.67 19.05 -6.68
C THR B 97 9.71 18.04 -6.19
N ILE B 98 9.43 16.77 -6.41
CA ILE B 98 10.31 15.69 -5.98
C ILE B 98 11.10 15.25 -7.21
N VAL B 99 12.41 15.41 -7.18
CA VAL B 99 13.21 15.11 -8.36
C VAL B 99 14.03 13.87 -8.08
N SER B 100 14.03 12.92 -9.02
CA SER B 100 14.88 11.73 -8.96
C SER B 100 15.52 11.59 -10.34
N LEU B 101 16.65 12.26 -10.52
CA LEU B 101 17.35 12.32 -11.80
C LEU B 101 18.62 11.51 -11.65
N ILE B 102 18.71 10.39 -12.35
CA ILE B 102 19.88 9.53 -12.24
C ILE B 102 21.11 10.28 -12.75
N SER B 103 22.12 10.39 -11.88
CA SER B 103 23.41 10.96 -12.26
C SER B 103 24.35 10.79 -11.09
N PRO B 104 25.60 10.39 -11.32
CA PRO B 104 26.60 10.39 -10.23
C PRO B 104 27.22 11.74 -9.96
N TYR B 105 26.94 12.76 -10.75
CA TYR B 105 27.77 13.95 -10.75
C TYR B 105 27.20 15.08 -9.92
N ARG B 106 28.09 15.79 -9.24
CA ARG B 106 27.68 16.93 -8.43
C ARG B 106 27.31 18.13 -9.28
N ALA B 107 27.85 18.24 -10.50
CA ALA B 107 27.68 19.46 -11.27
C ALA B 107 26.19 19.77 -11.52
N VAL B 108 25.41 18.75 -11.90
CA VAL B 108 23.98 18.98 -12.15
C VAL B 108 23.27 19.42 -10.87
N ARG B 109 23.68 18.87 -9.72
CA ARG B 109 23.04 19.20 -8.45
C ARG B 109 23.39 20.62 -8.02
N GLU B 110 24.61 21.08 -8.30
CA GLU B 110 25.00 22.45 -7.97
C GLU B 110 24.28 23.46 -8.86
N TYR B 111 24.15 23.13 -10.15
CA TYR B 111 23.36 23.95 -11.08
C TYR B 111 21.91 24.02 -10.64
N ALA B 112 21.33 22.87 -10.29
CA ALA B 112 19.95 22.86 -9.81
C ALA B 112 19.78 23.77 -8.60
N ARG B 113 20.72 23.71 -7.66
CA ARG B 113 20.62 24.54 -6.46
C ARG B 113 20.70 26.02 -6.79
N LYS B 114 21.51 26.38 -7.77
CA LYS B 114 21.57 27.78 -8.17
C LYS B 114 20.27 28.24 -8.84
N GLU B 115 19.57 27.33 -9.51
CA GLU B 115 18.39 27.71 -10.27
C GLU B 115 17.11 27.74 -9.45
N ILE B 116 17.03 26.92 -8.42
CA ILE B 116 15.81 26.66 -7.67
C ILE B 116 16.00 27.25 -6.28
N GLN B 117 15.26 28.33 -5.99
CA GLN B 117 15.47 29.07 -4.74
C GLN B 117 15.27 28.18 -3.52
N ASN B 118 14.17 27.43 -3.46
CA ASN B 118 13.85 26.62 -2.28
C ASN B 118 14.20 25.18 -2.60
N PHE B 119 15.38 24.75 -2.14
CA PHE B 119 16.03 23.55 -2.63
C PHE B 119 16.50 22.75 -1.43
N MET B 120 16.04 21.51 -1.36
CA MET B 120 16.31 20.61 -0.24
C MET B 120 16.91 19.34 -0.85
N GLU B 121 18.21 19.13 -0.64
CA GLU B 121 18.89 17.95 -1.16
C GLU B 121 18.86 16.82 -0.14
N VAL B 122 18.40 15.64 -0.58
CA VAL B 122 18.29 14.46 0.24
C VAL B 122 19.28 13.44 -0.32
N TYR B 123 20.35 13.20 0.43
CA TYR B 123 21.41 12.27 0.04
C TYR B 123 21.20 10.95 0.74
N ILE B 124 20.93 9.89 -0.03
CA ILE B 124 20.91 8.52 0.49
C ILE B 124 22.30 7.93 0.30
N HIS B 125 23.04 7.77 1.41
CA HIS B 125 24.42 7.34 1.37
C HIS B 125 24.49 5.82 1.48
N SER B 126 25.30 5.21 0.62
CA SER B 126 25.50 3.77 0.62
C SER B 126 27.00 3.49 0.73
N PRO B 127 27.47 2.78 1.76
CA PRO B 127 28.89 2.45 1.83
C PRO B 127 29.29 1.34 0.86
N GLY B 156 32.39 8.40 -13.55
CA GLY B 156 31.27 7.51 -13.33
C GLY B 156 31.07 7.13 -11.87
N VAL B 157 32.11 7.34 -11.06
CA VAL B 157 31.99 7.08 -9.63
C VAL B 157 31.10 8.13 -9.00
N TYR B 158 30.29 7.72 -8.02
CA TYR B 158 29.39 8.65 -7.38
C TYR B 158 30.17 9.77 -6.68
N GLU B 159 29.75 11.02 -6.91
CA GLU B 159 30.33 12.20 -6.29
C GLU B 159 29.43 12.64 -5.16
N GLU B 160 29.94 12.57 -3.93
CA GLU B 160 29.14 12.94 -2.77
C GLU B 160 28.86 14.44 -2.76
N PRO B 161 27.69 14.85 -2.29
CA PRO B 161 27.45 16.29 -2.06
C PRO B 161 28.33 16.79 -0.92
N GLU B 162 28.48 18.12 -0.86
CA GLU B 162 29.26 18.72 0.22
C GLU B 162 28.47 18.75 1.53
N ASN B 163 27.24 19.27 1.48
CA ASN B 163 26.48 19.63 2.68
C ASN B 163 25.00 19.57 2.32
N PRO B 164 24.47 18.36 2.12
CA PRO B 164 23.05 18.22 1.80
C PRO B 164 22.17 18.55 3.00
N GLU B 165 20.97 19.02 2.70
CA GLU B 165 20.01 19.33 3.75
C GLU B 165 19.69 18.11 4.60
N LEU B 166 19.72 16.91 4.01
CA LEU B 166 19.43 15.69 4.76
C LEU B 166 20.29 14.56 4.19
N LYS B 167 20.85 13.76 5.09
CA LYS B 167 21.60 12.55 4.75
C LYS B 167 20.90 11.36 5.40
N ILE B 168 20.51 10.38 4.58
CA ILE B 168 19.91 9.14 5.04
C ILE B 168 20.86 7.99 4.71
N GLU B 169 21.04 7.08 5.66
N GLU B 169 21.03 7.07 5.66
CA GLU B 169 21.83 5.88 5.41
CA GLU B 169 21.82 5.87 5.43
C GLU B 169 20.96 4.85 4.72
C GLU B 169 20.95 4.84 4.72
N SER B 170 21.44 4.35 3.58
CA SER B 170 20.63 3.47 2.75
C SER B 170 20.18 2.22 3.50
N HIS B 171 18.89 1.92 3.40
CA HIS B 171 18.25 0.72 3.92
C HIS B 171 18.29 0.63 5.44
N LYS B 172 18.67 1.70 6.12
CA LYS B 172 18.74 1.65 7.57
C LYS B 172 17.36 1.79 8.22
N MET B 173 16.47 2.57 7.63
CA MET B 173 15.14 2.76 8.20
C MET B 173 14.09 2.35 7.16
N SER B 174 12.89 2.10 7.65
CA SER B 174 11.80 1.78 6.74
C SER B 174 11.54 2.96 5.81
N ILE B 175 10.89 2.66 4.68
CA ILE B 175 10.54 3.71 3.74
C ILE B 175 9.61 4.72 4.40
N GLU B 176 8.69 4.25 5.24
CA GLU B 176 7.82 5.15 5.96
C GLU B 176 8.60 6.09 6.87
N GLU B 177 9.60 5.57 7.58
CA GLU B 177 10.43 6.43 8.41
C GLU B 177 11.29 7.36 7.58
N GLU B 178 11.75 6.92 6.40
CA GLU B 178 12.50 7.82 5.53
C GLU B 178 11.62 8.99 5.11
N VAL B 179 10.38 8.69 4.68
CA VAL B 179 9.43 9.73 4.31
C VAL B 179 9.24 10.70 5.48
N ASP B 180 9.04 10.17 6.69
CA ASP B 180 8.78 11.03 7.84
C ASP B 180 10.00 11.90 8.13
N THR B 181 11.20 11.36 7.97
CA THR B 181 12.42 12.11 8.21
C THR B 181 12.56 13.25 7.20
N VAL B 182 12.25 12.99 5.94
CA VAL B 182 12.28 14.04 4.92
C VAL B 182 11.31 15.17 5.28
N ILE B 183 10.09 14.80 5.68
CA ILE B 183 9.07 15.81 5.99
C ILE B 183 9.49 16.63 7.20
N ARG B 184 10.03 15.98 8.23
CA ARG B 184 10.52 16.72 9.40
C ARG B 184 11.63 17.69 9.02
N THR B 185 12.54 17.28 8.13
CA THR B 185 13.60 18.18 7.69
C THR B 185 13.02 19.39 6.96
N ALA B 186 12.07 19.14 6.05
CA ALA B 186 11.39 20.24 5.38
C ALA B 186 10.74 21.18 6.38
N GLN B 187 10.11 20.62 7.42
CA GLN B 187 9.54 21.48 8.45
C GLN B 187 10.62 22.30 9.15
N LYS B 188 11.73 21.66 9.49
CA LYS B 188 12.84 22.37 10.18
C LYS B 188 13.32 23.54 9.30
N LEU B 189 13.39 23.32 7.99
CA LEU B 189 13.83 24.35 7.06
C LEU B 189 12.78 25.40 6.79
N GLY B 190 11.56 25.23 7.29
CA GLY B 190 10.49 26.17 7.03
C GLY B 190 9.84 26.00 5.67
N TYR B 191 10.11 24.90 4.96
CA TYR B 191 9.46 24.63 3.68
C TYR B 191 8.05 24.09 3.86
N LEU B 192 7.81 23.37 4.95
CA LEU B 192 6.51 22.83 5.28
C LEU B 192 6.12 23.28 6.67
N LYS C 17 -15.56 -13.97 0.57
CA LYS C 17 -14.80 -14.82 -0.35
C LYS C 17 -14.46 -16.16 0.31
N ASN C 18 -14.57 -17.23 -0.47
CA ASN C 18 -14.36 -18.58 0.03
C ASN C 18 -13.13 -19.18 -0.68
N LEU C 19 -12.24 -19.76 0.11
CA LEU C 19 -11.00 -20.35 -0.40
C LEU C 19 -11.06 -21.87 -0.22
N GLU C 20 -10.97 -22.60 -1.33
CA GLU C 20 -11.01 -24.06 -1.26
C GLU C 20 -9.98 -24.57 -0.26
N ASP C 21 -8.74 -24.06 -0.35
CA ASP C 21 -7.67 -24.43 0.56
C ASP C 21 -7.10 -23.16 1.16
N GLY C 22 -6.99 -23.13 2.49
CA GLY C 22 -6.29 -22.06 3.14
C GLY C 22 -4.80 -22.28 3.06
N PHE C 23 -4.05 -21.37 3.67
CA PHE C 23 -2.60 -21.54 3.69
C PHE C 23 -2.00 -20.61 4.73
N THR C 24 -0.76 -20.89 5.11
CA THR C 24 -0.06 -20.11 6.12
C THR C 24 1.00 -19.25 5.44
N ILE C 25 1.05 -17.98 5.84
CA ILE C 25 2.14 -17.06 5.50
C ILE C 25 2.98 -16.94 6.78
N TRP C 26 4.18 -17.51 6.76
CA TRP C 26 5.04 -17.61 7.93
C TRP C 26 6.15 -16.57 7.79
N LEU C 27 6.08 -15.53 8.61
CA LEU C 27 7.06 -14.45 8.53
C LEU C 27 8.28 -14.79 9.38
N THR C 28 9.46 -14.54 8.81
CA THR C 28 10.70 -14.80 9.54
C THR C 28 11.77 -13.81 9.10
N GLY C 29 12.74 -13.61 9.98
CA GLY C 29 13.77 -12.61 9.78
C GLY C 29 14.22 -12.05 11.11
N PRO C 30 15.38 -11.40 11.13
CA PRO C 30 15.90 -10.86 12.39
C PRO C 30 15.03 -9.75 12.96
N SER C 31 15.25 -9.47 14.24
N SER C 31 15.26 -9.45 14.23
CA SER C 31 14.52 -8.38 14.88
CA SER C 31 14.55 -8.38 14.90
C SER C 31 14.76 -7.09 14.12
C SER C 31 14.78 -7.06 14.17
N GLY C 32 13.72 -6.26 14.05
CA GLY C 32 13.79 -4.99 13.37
C GLY C 32 13.65 -5.04 11.87
N ALA C 33 13.43 -6.22 11.29
CA ALA C 33 13.38 -6.33 9.83
C ALA C 33 12.09 -5.77 9.24
N GLY C 34 11.02 -5.74 10.00
CA GLY C 34 9.71 -5.35 9.50
C GLY C 34 8.64 -6.45 9.50
N LYS C 35 8.83 -7.54 10.25
CA LYS C 35 7.87 -8.64 10.22
C LYS C 35 6.50 -8.21 10.72
N SER C 36 6.46 -7.55 11.89
CA SER C 36 5.19 -7.24 12.51
C SER C 36 4.39 -6.25 11.67
N THR C 37 5.05 -5.19 11.21
CA THR C 37 4.38 -4.22 10.34
C THR C 37 3.81 -4.91 9.11
N LEU C 38 4.59 -5.79 8.47
CA LEU C 38 4.10 -6.48 7.29
C LEU C 38 2.96 -7.43 7.66
N ALA C 39 3.05 -8.12 8.79
CA ALA C 39 2.00 -9.06 9.16
C ALA C 39 0.65 -8.35 9.28
N TYR C 40 0.62 -7.20 9.97
CA TYR C 40 -0.65 -6.52 10.17
C TYR C 40 -1.13 -5.85 8.89
N ALA C 41 -0.22 -5.36 8.03
CA ALA C 41 -0.67 -4.80 6.76
C ALA C 41 -1.24 -5.89 5.86
N LEU C 42 -0.62 -7.08 5.88
CA LEU C 42 -1.12 -8.19 5.07
C LEU C 42 -2.53 -8.57 5.48
N GLU C 43 -2.78 -8.62 6.80
CA GLU C 43 -4.11 -8.94 7.28
C GLU C 43 -5.11 -7.89 6.81
N LYS C 44 -4.74 -6.62 6.93
CA LYS C 44 -5.64 -5.54 6.53
C LYS C 44 -5.99 -5.65 5.05
N LYS C 45 -5.00 -5.86 4.19
CA LYS C 45 -5.28 -5.96 2.77
C LYS C 45 -6.12 -7.18 2.42
N LEU C 46 -5.81 -8.32 3.02
CA LEU C 46 -6.53 -9.53 2.63
C LEU C 46 -7.97 -9.50 3.13
N LEU C 47 -8.21 -8.90 4.30
CA LEU C 47 -9.58 -8.75 4.78
C LEU C 47 -10.38 -7.82 3.88
N GLU C 48 -9.77 -6.72 3.44
CA GLU C 48 -10.43 -5.79 2.52
C GLU C 48 -10.75 -6.48 1.19
N LYS C 49 -9.93 -7.47 0.83
CA LYS C 49 -10.11 -8.23 -0.44
C LYS C 49 -11.29 -9.21 -0.30
N GLY C 50 -11.73 -9.45 0.94
CA GLY C 50 -12.83 -10.36 1.17
C GLY C 50 -12.47 -11.72 1.71
N PHE C 51 -11.21 -11.95 2.06
CA PHE C 51 -10.77 -13.27 2.49
C PHE C 51 -10.96 -13.47 4.00
N ARG C 52 -11.10 -14.75 4.38
CA ARG C 52 -10.98 -15.13 5.78
C ARG C 52 -9.50 -15.14 6.13
N VAL C 53 -9.13 -14.34 7.13
CA VAL C 53 -7.73 -14.14 7.51
C VAL C 53 -7.62 -14.09 9.03
N GLU C 54 -6.59 -14.72 9.57
CA GLU C 54 -6.25 -14.59 10.97
C GLU C 54 -4.77 -14.30 11.11
N ILE C 55 -4.40 -13.43 12.05
CA ILE C 55 -3.00 -13.22 12.36
C ILE C 55 -2.72 -13.88 13.69
N LEU C 56 -1.67 -14.68 13.73
CA LEU C 56 -1.17 -15.34 14.92
C LEU C 56 0.14 -14.63 15.30
N ASP C 57 0.01 -13.63 16.17
CA ASP C 57 1.12 -12.88 16.74
C ASP C 57 1.56 -13.61 18.01
N GLY C 58 2.78 -14.16 17.99
CA GLY C 58 3.22 -15.03 19.08
C GLY C 58 3.11 -14.39 20.45
N ASP C 59 3.53 -13.14 20.57
CA ASP C 59 3.46 -12.49 21.88
C ASP C 59 2.02 -12.25 22.31
N VAL C 60 1.16 -11.87 21.36
CA VAL C 60 -0.26 -11.70 21.70
C VAL C 60 -0.85 -13.02 22.15
N ILE C 61 -0.52 -14.10 21.44
CA ILE C 61 -1.07 -15.42 21.80
C ILE C 61 -0.57 -15.84 23.16
N ARG C 62 0.73 -15.69 23.41
CA ARG C 62 1.28 -16.02 24.72
C ARG C 62 0.61 -15.21 25.83
N ASN C 63 0.48 -13.89 25.63
N ASN C 63 0.46 -13.90 25.62
CA ASN C 63 -0.12 -13.05 26.66
CA ASN C 63 -0.12 -13.05 26.66
C ASN C 63 -1.57 -13.44 26.92
C ASN C 63 -1.58 -13.39 26.90
N THR C 64 -2.28 -13.89 25.88
CA THR C 64 -3.70 -14.18 26.00
C THR C 64 -3.95 -15.55 26.63
N LEU C 65 -3.15 -16.55 26.28
CA LEU C 65 -3.45 -17.93 26.67
C LEU C 65 -2.63 -18.44 27.84
N TYR C 66 -1.43 -17.95 28.06
CA TYR C 66 -0.59 -18.47 29.13
C TYR C 66 0.47 -17.42 29.42
N PRO C 67 0.09 -16.26 29.95
CA PRO C 67 1.07 -15.18 30.16
C PRO C 67 2.16 -15.51 31.17
N ASN C 68 1.90 -16.43 32.10
CA ASN C 68 2.85 -16.71 33.19
C ASN C 68 3.58 -18.03 32.98
N ILE C 69 3.68 -18.47 31.73
CA ILE C 69 4.31 -19.78 31.39
C ILE C 69 5.83 -19.75 31.54
N GLY C 70 6.44 -18.56 31.58
CA GLY C 70 7.88 -18.46 31.64
C GLY C 70 8.53 -18.63 30.28
N PHE C 71 9.86 -18.56 30.36
CA PHE C 71 10.79 -18.60 29.20
C PHE C 71 11.74 -19.80 29.27
N SER C 72 11.31 -20.92 29.87
CA SER C 72 12.07 -22.16 29.79
C SER C 72 11.99 -22.75 28.38
N LYS C 73 12.91 -23.66 28.10
CA LYS C 73 12.89 -24.32 26.80
C LYS C 73 11.60 -25.11 26.63
N GLU C 74 11.12 -25.76 27.69
CA GLU C 74 9.85 -26.47 27.61
C GLU C 74 8.72 -25.52 27.24
N ALA C 75 8.68 -24.35 27.89
CA ALA C 75 7.60 -23.40 27.65
C ALA C 75 7.65 -22.85 26.24
N ARG C 76 8.85 -22.59 25.71
CA ARG C 76 8.96 -22.06 24.35
C ARG C 76 8.49 -23.07 23.31
N GLU C 77 8.89 -24.33 23.46
CA GLU C 77 8.44 -25.32 22.48
C GLU C 77 6.93 -25.56 22.58
N MET C 78 6.38 -25.54 23.80
CA MET C 78 4.94 -25.71 23.92
C MET C 78 4.21 -24.58 23.19
N HIS C 79 4.63 -23.34 23.42
CA HIS C 79 4.05 -22.17 22.74
C HIS C 79 4.14 -22.34 21.23
N ASN C 80 5.32 -22.73 20.75
CA ASN C 80 5.51 -23.00 19.33
C ASN C 80 4.51 -24.02 18.82
N ARG C 81 4.32 -25.13 19.55
CA ARG C 81 3.39 -26.15 19.11
C ARG C 81 1.96 -25.62 19.08
N VAL C 82 1.59 -24.78 20.04
CA VAL C 82 0.24 -24.23 20.08
C VAL C 82 0.01 -23.32 18.87
N VAL C 83 0.93 -22.38 18.63
CA VAL C 83 0.80 -21.49 17.47
C VAL C 83 0.71 -22.29 16.18
N ILE C 84 1.58 -23.30 16.04
CA ILE C 84 1.62 -24.09 14.81
C ILE C 84 0.32 -24.87 14.63
N HIS C 85 -0.21 -25.42 15.73
CA HIS C 85 -1.45 -26.18 15.62
C HIS C 85 -2.61 -25.27 15.25
N LEU C 86 -2.60 -24.05 15.80
CA LEU C 86 -3.65 -23.05 15.50
C LEU C 86 -3.62 -22.74 14.00
N ALA C 87 -2.40 -22.59 13.43
CA ALA C 87 -2.24 -22.32 12.01
C ALA C 87 -2.60 -23.53 11.16
N LYS C 88 -2.21 -24.73 11.59
CA LYS C 88 -2.56 -25.94 10.85
C LYS C 88 -4.06 -26.06 10.68
N LEU C 89 -4.81 -25.87 11.76
CA LEU C 89 -6.26 -26.08 11.71
C LEU C 89 -6.96 -24.98 10.92
N LEU C 90 -6.51 -23.74 11.06
CA LEU C 90 -7.14 -22.67 10.28
C LEU C 90 -6.85 -22.83 8.80
N SER C 91 -5.58 -23.14 8.47
CA SER C 91 -5.19 -23.22 7.07
C SER C 91 -5.91 -24.35 6.36
N LYS C 92 -6.12 -25.47 7.03
CA LYS C 92 -6.82 -26.58 6.39
C LYS C 92 -8.31 -26.32 6.25
N ASN C 93 -8.82 -25.24 6.80
CA ASN C 93 -10.24 -24.89 6.70
C ASN C 93 -10.47 -23.58 5.98
N GLY C 94 -9.63 -23.27 5.01
CA GLY C 94 -9.89 -22.18 4.11
C GLY C 94 -9.51 -20.81 4.61
N VAL C 95 -8.75 -20.73 5.68
CA VAL C 95 -8.35 -19.45 6.23
C VAL C 95 -6.92 -19.15 5.81
N ILE C 96 -6.63 -17.89 5.50
CA ILE C 96 -5.27 -17.43 5.30
C ILE C 96 -4.72 -17.08 6.68
N THR C 97 -3.70 -17.79 7.12
CA THR C 97 -3.16 -17.64 8.47
C THR C 97 -1.80 -16.95 8.37
N ILE C 98 -1.70 -15.76 8.94
CA ILE C 98 -0.45 -15.00 8.93
C ILE C 98 0.21 -15.21 10.28
N VAL C 99 1.40 -15.79 10.29
CA VAL C 99 2.10 -16.06 11.53
C VAL C 99 3.29 -15.12 11.64
N SER C 100 3.39 -14.44 12.78
CA SER C 100 4.57 -13.66 13.15
C SER C 100 4.97 -14.14 14.54
N LEU C 101 5.82 -15.17 14.57
CA LEU C 101 6.29 -15.80 15.80
C LEU C 101 7.77 -15.51 15.96
N ILE C 102 8.11 -14.65 16.91
CA ILE C 102 9.49 -14.23 17.11
C ILE C 102 10.33 -15.45 17.48
N SER C 103 11.38 -15.68 16.69
CA SER C 103 12.35 -16.72 17.00
C SER C 103 13.50 -16.62 16.02
N PRO C 104 14.75 -16.75 16.47
CA PRO C 104 15.86 -16.82 15.52
C PRO C 104 16.06 -18.18 14.88
N TYR C 105 15.34 -19.22 15.32
CA TYR C 105 15.75 -20.59 15.02
C TYR C 105 14.99 -21.20 13.85
N ARG C 106 15.71 -21.98 13.04
CA ARG C 106 15.11 -22.68 11.91
C ARG C 106 14.21 -23.84 12.35
N ALA C 107 14.51 -24.45 13.49
CA ALA C 107 13.84 -25.71 13.88
C ALA C 107 12.33 -25.53 13.96
N VAL C 108 11.86 -24.44 14.59
CA VAL C 108 10.42 -24.21 14.69
C VAL C 108 9.82 -24.06 13.30
N ARG C 109 10.55 -23.40 12.40
CA ARG C 109 10.03 -23.14 11.05
C ARG C 109 10.00 -24.41 10.21
N GLU C 110 10.95 -25.33 10.40
CA GLU C 110 10.91 -26.59 9.69
C GLU C 110 9.81 -27.49 10.25
N TYR C 111 9.59 -27.46 11.56
CA TYR C 111 8.47 -28.18 12.15
C TYR C 111 7.15 -27.64 11.63
N ALA C 112 7.01 -26.32 11.54
CA ALA C 112 5.79 -25.73 11.01
C ALA C 112 5.52 -26.20 9.60
N ARG C 113 6.55 -26.22 8.75
CA ARG C 113 6.38 -26.65 7.37
C ARG C 113 5.96 -28.11 7.27
N LYS C 114 6.49 -28.96 8.16
CA LYS C 114 6.05 -30.36 8.17
C LYS C 114 4.59 -30.48 8.63
N GLU C 115 4.15 -29.57 9.50
CA GLU C 115 2.80 -29.70 10.04
C GLU C 115 1.74 -29.09 9.13
N ILE C 116 2.09 -28.06 8.37
CA ILE C 116 1.11 -27.25 7.65
C ILE C 116 1.30 -27.49 6.16
N GLN C 117 0.34 -28.19 5.55
CA GLN C 117 0.50 -28.60 4.16
C GLN C 117 0.80 -27.42 3.24
N ASN C 118 0.00 -26.36 3.32
CA ASN C 118 0.14 -25.23 2.41
C ASN C 118 0.85 -24.10 3.14
N PHE C 119 2.16 -24.00 2.90
CA PHE C 119 3.05 -23.21 3.75
C PHE C 119 3.88 -22.30 2.89
N MET C 120 3.75 -21.00 3.16
CA MET C 120 4.46 -19.95 2.40
C MET C 120 5.38 -19.18 3.36
N GLU C 121 6.68 -19.48 3.31
CA GLU C 121 7.64 -18.77 4.14
C GLU C 121 8.08 -17.47 3.47
N VAL C 122 7.95 -16.37 4.20
CA VAL C 122 8.35 -15.04 3.77
C VAL C 122 9.50 -14.61 4.67
N TYR C 123 10.70 -14.53 4.09
CA TYR C 123 11.93 -14.18 4.78
C TYR C 123 12.26 -12.73 4.46
N ILE C 124 12.21 -11.86 5.48
CA ILE C 124 12.69 -10.49 5.35
C ILE C 124 14.14 -10.46 5.81
N HIS C 125 15.05 -10.27 4.85
CA HIS C 125 16.49 -10.36 5.08
C HIS C 125 17.07 -8.98 5.38
N SER C 126 17.96 -8.94 6.38
CA SER C 126 18.63 -7.74 6.81
C SER C 126 20.13 -8.05 6.87
N PRO C 127 20.98 -7.21 6.26
CA PRO C 127 22.43 -7.47 6.35
C PRO C 127 23.05 -6.98 7.65
N GLY C 156 20.89 -17.73 19.59
CA GLY C 156 20.64 -16.31 19.55
C GLY C 156 20.79 -15.70 18.17
N VAL C 157 21.85 -16.10 17.46
CA VAL C 157 22.09 -15.59 16.11
C VAL C 157 20.97 -16.05 15.20
N TYR C 158 20.52 -15.16 14.32
CA TYR C 158 19.44 -15.50 13.40
C TYR C 158 19.90 -16.61 12.44
N GLU C 159 19.09 -17.65 12.33
CA GLU C 159 19.36 -18.77 11.42
C GLU C 159 18.53 -18.56 10.16
N GLU C 160 19.22 -18.34 9.04
CA GLU C 160 18.52 -18.08 7.79
C GLU C 160 17.82 -19.35 7.31
N PRO C 161 16.69 -19.21 6.65
CA PRO C 161 16.10 -20.36 5.96
C PRO C 161 16.96 -20.79 4.77
N GLU C 162 16.71 -22.00 4.31
CA GLU C 162 17.42 -22.55 3.15
C GLU C 162 16.85 -21.98 1.86
N ASN C 163 15.52 -22.04 1.72
CA ASN C 163 14.84 -21.85 0.46
C ASN C 163 13.42 -21.37 0.73
N PRO C 164 13.25 -20.16 1.25
CA PRO C 164 11.91 -19.66 1.53
C PRO C 164 11.17 -19.37 0.24
N GLU C 165 9.85 -19.40 0.31
CA GLU C 165 9.03 -19.15 -0.87
C GLU C 165 9.22 -17.72 -1.37
N LEU C 166 9.53 -16.81 -0.48
CA LEU C 166 9.71 -15.40 -0.82
C LEU C 166 10.75 -14.82 0.11
N LYS C 167 11.69 -14.10 -0.47
CA LYS C 167 12.70 -13.33 0.25
C LYS C 167 12.50 -11.87 -0.10
N ILE C 168 12.40 -11.04 0.94
CA ILE C 168 12.27 -9.60 0.81
C ILE C 168 13.45 -8.95 1.52
N GLU C 169 14.05 -7.96 0.88
CA GLU C 169 15.13 -7.22 1.53
C GLU C 169 14.51 -6.19 2.47
N SER C 170 14.93 -6.22 3.73
CA SER C 170 14.39 -5.32 4.74
C SER C 170 14.53 -3.86 4.32
N HIS C 171 13.46 -3.10 4.49
CA HIS C 171 13.43 -1.66 4.25
C HIS C 171 13.71 -1.25 2.82
N LYS C 172 13.62 -2.20 1.88
CA LYS C 172 13.91 -1.88 0.46
C LYS C 172 12.65 -1.31 -0.22
N MET C 173 11.47 -1.76 0.19
CA MET C 173 10.25 -1.29 -0.43
C MET C 173 9.25 -0.84 0.61
N SER C 174 8.28 -0.04 0.16
CA SER C 174 7.20 0.39 1.01
C SER C 174 6.38 -0.79 1.51
N ILE C 175 5.65 -0.57 2.61
CA ILE C 175 4.80 -1.61 3.13
C ILE C 175 3.82 -2.08 2.06
N GLU C 176 3.23 -1.14 1.31
CA GLU C 176 2.28 -1.51 0.26
C GLU C 176 2.93 -2.43 -0.76
N GLU C 177 4.19 -2.13 -1.15
CA GLU C 177 4.89 -2.97 -2.12
C GLU C 177 5.22 -4.35 -1.55
N GLU C 178 5.61 -4.41 -0.27
CA GLU C 178 5.84 -5.69 0.37
C GLU C 178 4.58 -6.55 0.34
N VAL C 179 3.44 -5.94 0.68
CA VAL C 179 2.18 -6.68 0.69
C VAL C 179 1.86 -7.19 -0.71
N ASP C 180 1.99 -6.32 -1.71
CA ASP C 180 1.73 -6.72 -3.08
C ASP C 180 2.65 -7.86 -3.52
N THR C 181 3.91 -7.83 -3.09
CA THR C 181 4.84 -8.88 -3.46
C THR C 181 4.46 -10.22 -2.81
N VAL C 182 4.05 -10.19 -1.54
CA VAL C 182 3.60 -11.42 -0.88
C VAL C 182 2.40 -12.01 -1.61
N ILE C 183 1.42 -11.17 -1.94
CA ILE C 183 0.22 -11.66 -2.60
C ILE C 183 0.57 -12.23 -3.96
N ARG C 184 1.46 -11.56 -4.70
CA ARG C 184 1.84 -12.04 -6.02
C ARG C 184 2.49 -13.41 -5.93
N THR C 185 3.39 -13.59 -4.96
CA THR C 185 3.99 -14.91 -4.74
C THR C 185 2.93 -15.96 -4.43
N ALA C 186 1.98 -15.62 -3.57
CA ALA C 186 0.91 -16.58 -3.24
C ALA C 186 0.13 -16.95 -4.49
N GLN C 187 -0.10 -16.00 -5.39
CA GLN C 187 -0.79 -16.34 -6.63
C GLN C 187 0.06 -17.23 -7.51
N LYS C 188 1.34 -16.90 -7.66
CA LYS C 188 2.24 -17.78 -8.41
C LYS C 188 2.23 -19.19 -7.85
N LEU C 189 2.08 -19.33 -6.52
CA LEU C 189 2.06 -20.65 -5.90
C LEU C 189 0.70 -21.33 -6.00
N GLY C 190 -0.31 -20.64 -6.51
CA GLY C 190 -1.63 -21.23 -6.60
C GLY C 190 -2.46 -21.17 -5.34
N TYR C 191 -1.99 -20.45 -4.31
CA TYR C 191 -2.73 -20.26 -3.08
C TYR C 191 -3.79 -19.17 -3.19
N LEU C 192 -3.55 -18.17 -4.04
CA LEU C 192 -4.48 -17.08 -4.27
C LEU C 192 -4.78 -17.00 -5.77
N LEU D 19 -20.16 -22.15 4.79
CA LEU D 19 -20.98 -21.60 5.89
C LEU D 19 -20.59 -20.16 6.18
N GLU D 20 -21.54 -19.25 5.97
CA GLU D 20 -21.28 -17.85 6.27
C GLU D 20 -20.74 -17.69 7.69
N ASP D 21 -21.40 -18.31 8.66
CA ASP D 21 -21.00 -18.23 10.05
C ASP D 21 -20.80 -19.64 10.59
N GLY D 22 -19.62 -19.92 11.11
CA GLY D 22 -19.39 -21.14 11.84
C GLY D 22 -20.04 -21.10 13.22
N PHE D 23 -19.91 -22.21 13.94
CA PHE D 23 -20.43 -22.30 15.29
C PHE D 23 -19.78 -23.47 16.00
N THR D 24 -19.91 -23.45 17.32
CA THR D 24 -19.35 -24.49 18.17
C THR D 24 -20.48 -25.34 18.73
N ILE D 25 -20.32 -26.65 18.64
CA ILE D 25 -21.16 -27.62 19.34
C ILE D 25 -20.33 -28.13 20.51
N TRP D 26 -20.76 -27.81 21.74
CA TRP D 26 -19.97 -28.10 22.94
C TRP D 26 -20.65 -29.21 23.72
N LEU D 27 -20.04 -30.39 23.71
CA LEU D 27 -20.55 -31.57 24.40
C LEU D 27 -20.21 -31.51 25.89
N THR D 28 -21.20 -31.79 26.72
CA THR D 28 -21.00 -31.84 28.15
C THR D 28 -21.90 -32.91 28.74
N GLY D 29 -21.46 -33.44 29.87
CA GLY D 29 -22.16 -34.49 30.57
C GLY D 29 -21.20 -35.32 31.40
N PRO D 30 -21.73 -36.13 32.32
CA PRO D 30 -20.85 -36.93 33.18
C PRO D 30 -20.05 -37.94 32.37
N SER D 31 -18.98 -38.43 32.99
CA SER D 31 -18.17 -39.47 32.37
C SER D 31 -19.05 -40.67 32.03
N GLY D 32 -18.85 -41.21 30.82
CA GLY D 32 -19.58 -42.39 30.39
C GLY D 32 -20.91 -42.11 29.72
N ALA D 33 -21.25 -40.84 29.52
CA ALA D 33 -22.56 -40.49 28.97
C ALA D 33 -22.62 -40.68 27.47
N GLY D 34 -21.45 -40.77 26.82
CA GLY D 34 -21.37 -40.97 25.38
C GLY D 34 -20.97 -39.72 24.63
N LYS D 35 -20.23 -38.82 25.29
CA LYS D 35 -19.85 -37.56 24.66
C LYS D 35 -18.90 -37.79 23.49
N SER D 36 -17.82 -38.54 23.71
CA SER D 36 -16.80 -38.72 22.67
C SER D 36 -17.39 -39.38 21.44
N THR D 37 -18.14 -40.47 21.63
CA THR D 37 -18.70 -41.20 20.50
C THR D 37 -19.62 -40.30 19.70
N LEU D 38 -20.46 -39.53 20.39
CA LEU D 38 -21.35 -38.61 19.68
C LEU D 38 -20.55 -37.54 18.94
N ALA D 39 -19.50 -37.00 19.56
CA ALA D 39 -18.72 -35.94 18.92
C ALA D 39 -18.16 -36.42 17.59
N TYR D 40 -17.53 -37.59 17.57
CA TYR D 40 -16.95 -38.10 16.34
C TYR D 40 -18.03 -38.48 15.34
N ALA D 41 -19.16 -39.02 15.81
CA ALA D 41 -20.22 -39.36 14.86
C ALA D 41 -20.82 -38.10 14.24
N LEU D 42 -20.88 -37.03 15.02
CA LEU D 42 -21.35 -35.75 14.49
C LEU D 42 -20.43 -35.24 13.40
N GLU D 43 -19.12 -35.27 13.66
CA GLU D 43 -18.14 -34.86 12.66
C GLU D 43 -18.26 -35.73 11.41
N LYS D 44 -18.41 -37.04 11.59
N LYS D 44 -18.41 -37.04 11.59
CA LYS D 44 -18.54 -37.93 10.44
CA LYS D 44 -18.55 -37.95 10.46
C LYS D 44 -19.75 -37.56 9.61
C LYS D 44 -19.75 -37.58 9.61
N LYS D 45 -20.91 -37.39 10.24
CA LYS D 45 -22.10 -37.02 9.50
C LYS D 45 -21.92 -35.68 8.79
N LEU D 46 -21.38 -34.69 9.48
CA LEU D 46 -21.34 -33.35 8.89
C LEU D 46 -20.30 -33.28 7.76
N LEU D 47 -19.22 -34.05 7.85
CA LEU D 47 -18.30 -34.15 6.71
C LEU D 47 -18.97 -34.78 5.51
N GLU D 48 -19.72 -35.87 5.71
CA GLU D 48 -20.46 -36.47 4.60
C GLU D 48 -21.37 -35.46 3.95
N LYS D 49 -21.94 -34.55 4.73
CA LYS D 49 -22.87 -33.54 4.24
C LYS D 49 -22.16 -32.40 3.52
N GLY D 50 -20.83 -32.33 3.58
CA GLY D 50 -20.07 -31.33 2.86
C GLY D 50 -19.68 -30.08 3.63
N PHE D 51 -19.78 -30.09 4.95
CA PHE D 51 -19.46 -28.92 5.74
C PHE D 51 -17.99 -28.95 6.16
N ARG D 52 -17.42 -27.76 6.37
CA ARG D 52 -16.15 -27.62 7.07
C ARG D 52 -16.40 -27.92 8.54
N VAL D 53 -15.72 -28.92 9.08
CA VAL D 53 -15.94 -29.38 10.44
C VAL D 53 -14.59 -29.71 11.06
N GLU D 54 -14.42 -29.37 12.33
CA GLU D 54 -13.27 -29.82 13.10
C GLU D 54 -13.75 -30.34 14.44
N ILE D 55 -13.10 -31.38 14.93
CA ILE D 55 -13.37 -31.90 16.27
C ILE D 55 -12.16 -31.61 17.13
N LEU D 56 -12.40 -31.03 18.30
CA LEU D 56 -11.38 -30.68 19.28
C LEU D 56 -11.58 -31.64 20.43
N ASP D 57 -10.75 -32.67 20.50
CA ASP D 57 -10.84 -33.71 21.50
C ASP D 57 -9.81 -33.34 22.58
N GLY D 58 -10.32 -32.96 23.76
CA GLY D 58 -9.44 -32.36 24.76
C GLY D 58 -8.24 -33.23 25.11
N ASP D 59 -8.48 -34.52 25.32
CA ASP D 59 -7.37 -35.37 25.72
C ASP D 59 -6.35 -35.55 24.61
N VAL D 60 -6.82 -35.69 23.36
CA VAL D 60 -5.89 -35.84 22.25
C VAL D 60 -5.07 -34.58 22.08
N ILE D 61 -5.71 -33.42 22.18
CA ILE D 61 -5.01 -32.14 22.04
C ILE D 61 -3.94 -32.01 23.11
N ARG D 62 -4.30 -32.31 24.35
CA ARG D 62 -3.36 -32.27 25.46
C ARG D 62 -2.16 -33.18 25.21
N ASN D 63 -2.42 -34.42 24.79
CA ASN D 63 -1.33 -35.37 24.55
C ASN D 63 -0.43 -34.89 23.41
N THR D 64 -1.02 -34.21 22.42
CA THR D 64 -0.30 -33.77 21.23
C THR D 64 0.53 -32.53 21.50
N LEU D 65 -0.03 -31.56 22.23
CA LEU D 65 0.60 -30.25 22.38
C LEU D 65 1.43 -30.11 23.65
N TYR D 66 1.02 -30.74 24.75
CA TYR D 66 1.72 -30.56 26.03
C TYR D 66 1.43 -31.77 26.91
N PRO D 67 1.91 -32.96 26.52
CA PRO D 67 1.60 -34.15 27.31
C PRO D 67 2.20 -34.14 28.71
N ASN D 68 3.21 -33.31 28.97
CA ASN D 68 3.89 -33.30 30.26
C ASN D 68 3.53 -32.09 31.11
N ILE D 69 2.49 -31.35 30.71
CA ILE D 69 2.11 -30.10 31.44
C ILE D 69 1.62 -30.41 32.85
N GLY D 70 1.24 -31.66 33.14
CA GLY D 70 0.71 -31.98 34.45
C GLY D 70 -0.75 -31.60 34.59
N PHE D 71 -1.26 -31.76 35.82
CA PHE D 71 -2.69 -31.62 36.10
C PHE D 71 -2.97 -30.62 37.21
N SER D 72 -2.03 -29.72 37.47
CA SER D 72 -2.26 -28.58 38.34
C SER D 72 -3.45 -27.75 37.85
N LYS D 73 -3.99 -26.92 38.75
CA LYS D 73 -5.05 -26.02 38.37
C LYS D 73 -4.60 -25.12 37.22
N GLU D 74 -3.39 -24.56 37.32
CA GLU D 74 -2.89 -23.67 36.28
C GLU D 74 -2.79 -24.39 34.94
N ALA D 75 -2.40 -25.67 34.96
CA ALA D 75 -2.28 -26.44 33.72
C ALA D 75 -3.64 -26.73 33.11
N ARG D 76 -4.64 -27.05 33.94
CA ARG D 76 -5.96 -27.35 33.43
C ARG D 76 -6.61 -26.13 32.80
N GLU D 77 -6.50 -24.97 33.45
CA GLU D 77 -7.06 -23.74 32.87
C GLU D 77 -6.31 -23.31 31.61
N MET D 78 -5.01 -23.58 31.55
CA MET D 78 -4.27 -23.22 30.32
C MET D 78 -4.80 -24.08 29.17
N HIS D 79 -4.95 -25.39 29.41
CA HIS D 79 -5.46 -26.28 28.40
C HIS D 79 -6.86 -25.86 27.97
N ASN D 80 -7.72 -25.51 28.93
CA ASN D 80 -9.06 -25.05 28.60
C ASN D 80 -9.01 -23.81 27.71
N ARG D 81 -8.15 -22.84 28.03
CA ARG D 81 -8.07 -21.64 27.24
C ARG D 81 -7.57 -21.93 25.81
N VAL D 82 -6.62 -22.84 25.68
CA VAL D 82 -6.13 -23.20 24.36
C VAL D 82 -7.25 -23.80 23.52
N VAL D 83 -7.99 -24.74 24.11
CA VAL D 83 -9.06 -25.41 23.37
C VAL D 83 -10.15 -24.41 22.99
N ILE D 84 -10.52 -23.54 23.93
CA ILE D 84 -11.57 -22.56 23.65
C ILE D 84 -11.12 -21.58 22.57
N HIS D 85 -9.85 -21.17 22.60
CA HIS D 85 -9.39 -20.21 21.60
C HIS D 85 -9.36 -20.84 20.21
N LEU D 86 -9.00 -22.11 20.15
CA LEU D 86 -9.01 -22.86 18.86
C LEU D 86 -10.45 -22.88 18.36
N ALA D 87 -11.42 -23.15 19.24
CA ALA D 87 -12.82 -23.19 18.84
C ALA D 87 -13.30 -21.82 18.39
N LYS D 88 -12.89 -20.77 19.10
CA LYS D 88 -13.30 -19.41 18.76
C LYS D 88 -12.84 -19.02 17.36
N LEU D 89 -11.56 -19.25 17.06
CA LEU D 89 -11.01 -18.88 15.76
C LEU D 89 -11.63 -19.71 14.64
N LEU D 90 -11.84 -21.00 14.86
CA LEU D 90 -12.46 -21.82 13.82
C LEU D 90 -13.91 -21.38 13.57
N SER D 91 -14.66 -21.15 14.64
CA SER D 91 -16.09 -20.86 14.50
C SER D 91 -16.35 -19.52 13.86
N LYS D 92 -15.48 -18.53 14.13
CA LYS D 92 -15.63 -17.24 13.48
C LYS D 92 -15.17 -17.26 12.04
N ASN D 93 -14.61 -18.37 11.56
CA ASN D 93 -14.17 -18.43 10.17
C ASN D 93 -14.89 -19.53 9.41
N GLY D 94 -16.14 -19.80 9.76
CA GLY D 94 -16.98 -20.64 8.95
C GLY D 94 -16.88 -22.13 9.20
N VAL D 95 -16.26 -22.54 10.30
CA VAL D 95 -16.08 -23.95 10.61
C VAL D 95 -17.07 -24.38 11.68
N ILE D 96 -17.67 -25.55 11.51
CA ILE D 96 -18.44 -26.18 12.58
C ILE D 96 -17.41 -26.83 13.50
N THR D 97 -17.30 -26.34 14.73
CA THR D 97 -16.30 -26.83 15.66
C THR D 97 -17.02 -27.68 16.71
N ILE D 98 -16.68 -28.95 16.76
CA ILE D 98 -17.25 -29.86 17.74
C ILE D 98 -16.23 -30.03 18.85
N VAL D 99 -16.62 -29.71 20.08
CA VAL D 99 -15.71 -29.76 21.21
C VAL D 99 -16.15 -30.85 22.18
N SER D 100 -15.20 -31.69 22.56
CA SER D 100 -15.41 -32.71 23.59
C SER D 100 -14.26 -32.57 24.57
N LEU D 101 -14.43 -31.70 25.54
CA LEU D 101 -13.42 -31.34 26.53
C LEU D 101 -13.84 -31.86 27.89
N ILE D 102 -13.08 -32.83 28.41
CA ILE D 102 -13.45 -33.47 29.67
C ILE D 102 -13.32 -32.49 30.82
N SER D 103 -14.41 -32.31 31.52
CA SER D 103 -14.44 -31.51 32.73
C SER D 103 -15.82 -31.63 33.35
N PRO D 104 -15.92 -31.78 34.66
CA PRO D 104 -17.26 -31.73 35.29
C PRO D 104 -17.79 -30.33 35.54
N TYR D 105 -17.00 -29.28 35.33
CA TYR D 105 -17.30 -27.96 35.91
C TYR D 105 -18.01 -27.04 34.92
N ARG D 106 -18.98 -26.28 35.43
CA ARG D 106 -19.67 -25.29 34.62
C ARG D 106 -18.76 -24.13 34.23
N ALA D 107 -17.72 -23.83 35.02
CA ALA D 107 -16.98 -22.60 34.83
C ALA D 107 -16.36 -22.54 33.43
N VAL D 108 -15.73 -23.64 32.98
CA VAL D 108 -15.12 -23.66 31.65
C VAL D 108 -16.17 -23.48 30.56
N ARG D 109 -17.38 -24.03 30.77
CA ARG D 109 -18.41 -23.93 29.74
C ARG D 109 -18.98 -22.52 29.66
N GLU D 110 -19.10 -21.82 30.78
CA GLU D 110 -19.55 -20.43 30.76
C GLU D 110 -18.50 -19.52 30.12
N TYR D 111 -17.23 -19.75 30.45
CA TYR D 111 -16.14 -19.03 29.79
C TYR D 111 -16.15 -19.30 28.28
N ALA D 112 -16.36 -20.55 27.87
CA ALA D 112 -16.42 -20.83 26.43
C ALA D 112 -17.57 -20.07 25.76
N ARG D 113 -18.74 -20.04 26.41
CA ARG D 113 -19.88 -19.37 25.82
C ARG D 113 -19.64 -17.87 25.69
N LYS D 114 -18.92 -17.27 26.65
CA LYS D 114 -18.59 -15.86 26.53
C LYS D 114 -17.61 -15.59 25.38
N GLU D 115 -16.73 -16.55 25.10
CA GLU D 115 -15.68 -16.35 24.11
C GLU D 115 -16.15 -16.63 22.69
N ILE D 116 -17.11 -17.52 22.51
CA ILE D 116 -17.50 -18.06 21.22
C ILE D 116 -18.90 -17.55 20.92
N GLN D 117 -19.01 -16.67 19.93
CA GLN D 117 -20.29 -15.99 19.68
C GLN D 117 -21.42 -16.99 19.42
N ASN D 118 -21.19 -17.94 18.50
CA ASN D 118 -22.22 -18.89 18.09
C ASN D 118 -21.93 -20.24 18.74
N PHE D 119 -22.68 -20.52 19.81
CA PHE D 119 -22.33 -21.55 20.77
C PHE D 119 -23.58 -22.34 21.06
N MET D 120 -23.51 -23.63 20.82
CA MET D 120 -24.62 -24.55 21.05
C MET D 120 -24.13 -25.67 21.95
N GLU D 121 -24.68 -25.71 23.17
CA GLU D 121 -24.28 -26.67 24.19
C GLU D 121 -25.20 -27.88 24.13
N VAL D 122 -24.59 -29.06 24.11
CA VAL D 122 -25.32 -30.33 24.02
C VAL D 122 -24.99 -31.09 25.29
N TYR D 123 -25.95 -31.17 26.20
CA TYR D 123 -25.84 -31.84 27.48
C TYR D 123 -26.44 -33.23 27.37
N ILE D 124 -25.59 -34.25 27.51
CA ILE D 124 -26.04 -35.63 27.62
C ILE D 124 -26.23 -35.93 29.10
N HIS D 125 -27.48 -36.01 29.55
CA HIS D 125 -27.85 -36.16 30.95
C HIS D 125 -27.86 -37.62 31.36
N SER D 126 -27.26 -37.92 32.51
CA SER D 126 -27.14 -39.28 33.05
C SER D 126 -27.81 -39.37 34.41
N PRO D 127 -28.96 -40.04 34.54
CA PRO D 127 -29.61 -40.20 35.85
C PRO D 127 -28.83 -41.10 36.80
N GLY D 156 -15.88 -31.76 42.25
CA GLY D 156 -15.55 -32.93 41.45
C GLY D 156 -16.77 -33.63 40.84
N VAL D 157 -17.92 -33.46 41.49
CA VAL D 157 -19.16 -34.00 40.94
C VAL D 157 -19.58 -33.15 39.74
N TYR D 158 -20.28 -33.79 38.81
CA TYR D 158 -20.68 -33.10 37.59
C TYR D 158 -21.63 -31.94 37.90
N GLU D 159 -21.35 -30.78 37.30
CA GLU D 159 -22.18 -29.60 37.47
C GLU D 159 -23.07 -29.43 36.24
N GLU D 160 -24.38 -29.53 36.44
CA GLU D 160 -25.30 -29.47 35.32
C GLU D 160 -25.32 -28.05 34.74
N PRO D 161 -25.46 -27.89 33.42
CA PRO D 161 -25.67 -26.54 32.87
C PRO D 161 -27.01 -26.01 33.31
N GLU D 162 -27.16 -24.69 33.20
CA GLU D 162 -28.43 -24.05 33.55
C GLU D 162 -29.47 -24.28 32.45
N ASN D 163 -29.09 -24.03 31.19
CA ASN D 163 -30.04 -23.90 30.10
C ASN D 163 -29.32 -24.22 28.78
N PRO D 164 -28.94 -25.48 28.59
CA PRO D 164 -28.24 -25.87 27.36
C PRO D 164 -29.20 -25.84 26.19
N GLU D 165 -28.64 -25.59 25.00
CA GLU D 165 -29.43 -25.56 23.78
C GLU D 165 -30.10 -26.90 23.50
N LEU D 166 -29.49 -27.99 23.95
CA LEU D 166 -30.06 -29.31 23.72
C LEU D 166 -29.70 -30.20 24.88
N LYS D 167 -30.70 -30.96 25.35
CA LYS D 167 -30.50 -31.97 26.37
C LYS D 167 -30.93 -33.30 25.77
N ILE D 168 -30.01 -34.26 25.82
CA ILE D 168 -30.22 -35.63 25.37
C ILE D 168 -30.11 -36.55 26.58
N GLU D 169 -30.97 -37.57 26.63
CA GLU D 169 -30.88 -38.59 27.66
C GLU D 169 -29.84 -39.64 27.26
N SER D 170 -28.92 -39.93 28.18
CA SER D 170 -27.81 -40.84 27.89
C SER D 170 -28.34 -42.24 27.57
N HIS D 171 -27.80 -42.84 26.51
CA HIS D 171 -28.07 -44.23 26.10
C HIS D 171 -29.55 -44.49 25.89
N LYS D 172 -30.29 -43.42 25.55
CA LYS D 172 -31.76 -43.52 25.31
C LYS D 172 -32.02 -43.84 23.83
N MET D 173 -31.23 -43.26 22.94
CA MET D 173 -31.44 -43.59 21.51
C MET D 173 -30.12 -44.11 20.95
N SER D 174 -30.15 -44.42 19.66
CA SER D 174 -28.97 -44.82 18.90
C SER D 174 -28.08 -43.62 18.63
N ILE D 175 -26.85 -43.90 18.20
CA ILE D 175 -25.94 -42.83 17.84
C ILE D 175 -26.51 -42.01 16.68
N GLU D 176 -27.08 -42.69 15.68
CA GLU D 176 -27.64 -41.96 14.54
C GLU D 176 -28.73 -41.00 14.99
N GLU D 177 -29.63 -41.45 15.88
CA GLU D 177 -30.68 -40.55 16.34
C GLU D 177 -30.12 -39.40 17.17
N GLU D 178 -29.07 -39.64 17.95
CA GLU D 178 -28.41 -38.53 18.65
C GLU D 178 -27.87 -37.51 17.65
N VAL D 179 -27.13 -37.99 16.64
CA VAL D 179 -26.61 -37.11 15.61
C VAL D 179 -27.74 -36.32 14.96
N ASP D 180 -28.81 -37.02 14.54
CA ASP D 180 -29.90 -36.31 13.90
C ASP D 180 -30.55 -35.30 14.84
N THR D 181 -30.63 -35.59 16.14
CA THR D 181 -31.25 -34.65 17.07
C THR D 181 -30.42 -33.37 17.22
N VAL D 182 -29.09 -33.52 17.24
CA VAL D 182 -28.21 -32.36 17.36
C VAL D 182 -28.32 -31.49 16.11
N ILE D 183 -28.35 -32.12 14.94
CA ILE D 183 -28.42 -31.36 13.70
C ILE D 183 -29.76 -30.62 13.61
N ARG D 184 -30.86 -31.28 13.99
CA ARG D 184 -32.15 -30.59 13.97
C ARG D 184 -32.16 -29.39 14.91
N THR D 185 -31.54 -29.51 16.08
CA THR D 185 -31.45 -28.36 16.98
C THR D 185 -30.66 -27.24 16.34
N ALA D 186 -29.53 -27.57 15.70
CA ALA D 186 -28.74 -26.54 15.04
C ALA D 186 -29.54 -25.87 13.92
N GLN D 187 -30.34 -26.63 13.18
CA GLN D 187 -31.21 -26.01 12.19
C GLN D 187 -32.22 -25.09 12.84
N LYS D 188 -32.87 -25.54 13.92
CA LYS D 188 -33.85 -24.69 14.59
C LYS D 188 -33.22 -23.39 15.05
N LEU D 189 -31.96 -23.43 15.49
CA LEU D 189 -31.27 -22.23 15.96
C LEU D 189 -30.79 -21.33 14.84
N GLY D 190 -30.92 -21.76 13.58
CA GLY D 190 -30.40 -20.98 12.47
C GLY D 190 -28.93 -21.17 12.19
N TYR D 191 -28.27 -22.13 12.84
CA TYR D 191 -26.86 -22.39 12.59
C TYR D 191 -26.63 -23.24 11.34
N LEU D 192 -27.60 -24.08 11.00
CA LEU D 192 -27.53 -25.01 9.85
C LEU D 192 -28.80 -24.89 9.02
C1 EDO E . -11.69 30.69 -38.39
O1 EDO E . -13.08 30.90 -38.60
C2 EDO E . -11.43 30.19 -36.98
O2 EDO E . -11.95 31.11 -36.02
C1 EDO F . 4.03 17.24 -30.70
O1 EDO F . 5.11 16.75 -31.51
C2 EDO F . 3.52 18.54 -31.32
O2 EDO F . 4.52 19.00 -32.24
C1 EDO G . 2.95 12.63 -18.00
O1 EDO G . 2.06 13.57 -17.39
C2 EDO G . 2.76 12.58 -19.52
O2 EDO G . 2.68 13.89 -20.08
C1 EDO H . 7.21 25.16 -36.40
O1 EDO H . 6.80 24.20 -35.41
C2 EDO H . 7.47 26.53 -35.76
O2 EDO H . 7.78 27.45 -36.81
C1 EDO I . 3.08 19.91 -38.43
O1 EDO I . 1.89 19.97 -39.23
C2 EDO I . 4.33 20.26 -39.24
O2 EDO I . 4.89 19.09 -39.86
P PO4 J . 3.28 38.27 -33.28
O1 PO4 J . 1.92 37.64 -33.40
O2 PO4 J . 4.20 37.75 -34.36
O3 PO4 J . 3.12 39.76 -33.51
O4 PO4 J . 3.89 38.01 -31.92
CL CL K . -10.69 38.28 -12.37
C1 EDO L . 23.54 20.36 -15.70
O1 EDO L . 23.98 19.36 -16.64
C2 EDO L . 23.30 21.66 -16.46
O2 EDO L . 24.26 21.76 -17.51
C1 EDO M . 27.93 14.39 2.74
O1 EDO M . 26.83 13.76 3.42
C2 EDO M . 29.17 13.50 2.75
O2 EDO M . 29.77 13.49 4.05
C1 EDO N . 12.37 29.15 4.47
O1 EDO N . 10.96 29.11 4.56
C2 EDO N . 12.84 29.71 3.18
O2 EDO N . 14.25 29.77 3.11
P PO4 O . 17.89 3.95 -6.75
O1 PO4 O . 16.67 4.65 -7.28
O2 PO4 O . 18.82 3.49 -7.85
O3 PO4 O . 18.68 4.95 -5.92
O4 PO4 O . 17.51 2.79 -5.87
CL CL P . 2.57 17.85 7.10
C1 EDO Q . 17.89 -17.60 2.29
O1 EDO Q . 17.11 -16.65 1.54
C2 EDO Q . 19.32 -17.10 2.40
O2 EDO Q . 19.90 -17.00 1.10
C1 EDO R . 8.28 -27.66 17.98
O1 EDO R . 8.97 -28.26 19.08
C2 EDO R . 8.90 -26.29 17.69
O2 EDO R . 9.64 -25.83 18.82
C1 EDO S . -4.40 -28.73 4.53
O1 EDO S . -4.66 -30.13 4.33
C2 EDO S . -4.50 -27.95 3.21
O2 EDO S . -4.55 -26.55 3.48
P PO4 T . 10.24 -6.98 13.40
O1 PO4 T . 10.77 -7.93 12.36
O2 PO4 T . 8.80 -7.29 13.72
O3 PO4 T . 10.36 -5.59 12.81
O4 PO4 T . 11.08 -7.11 14.64
CL CL U . -6.42 -11.16 -4.92
C1 EDO V . 6.16 -33.84 23.65
O1 EDO V . 5.33 -33.20 22.67
C2 EDO V . 7.01 -32.84 24.42
O2 EDO V . 6.48 -32.57 25.72
C1 EDO W . -30.74 -29.57 33.97
O1 EDO W . -32.15 -29.32 33.99
C2 EDO W . -30.12 -28.87 32.75
O2 EDO W . -30.70 -29.38 31.55
C1 EDO X . -33.76 -28.48 26.78
O1 EDO X . -32.71 -27.68 27.34
C2 EDO X . -33.51 -28.72 25.29
O2 EDO X . -33.33 -30.11 25.02
C1 EDO Y . -11.48 -22.49 31.93
O1 EDO Y . -10.76 -23.00 33.06
C2 EDO Y . -11.48 -20.96 32.00
O2 EDO Y . -10.14 -20.52 32.22
C1 EDO Z . -8.96 -33.93 17.44
O1 EDO Z . -8.92 -32.75 18.27
C2 EDO Z . -7.57 -34.56 17.44
O2 EDO Z . -6.63 -33.60 16.95
P PO4 AA . -17.99 -40.09 27.55
O1 PO4 AA . -18.77 -41.35 27.25
O2 PO4 AA . -17.09 -39.71 26.40
O3 PO4 AA . -19.03 -39.03 27.81
O4 PO4 AA . -17.15 -40.28 28.77
CL CL BA . -27.89 -30.05 6.83
#